data_6WQK
#
_entry.id   6WQK
#
_cell.length_a   1.00
_cell.length_b   1.00
_cell.length_c   1.00
_cell.angle_alpha   90.00
_cell.angle_beta   90.00
_cell.angle_gamma   90.00
#
_symmetry.space_group_name_H-M   'P 1'
#
_entity_poly.entity_id   1
_entity_poly.type   'polypeptide(L)'
_entity_poly.pdbx_seq_one_letter_code
;MSYYHHHHHHDYDIPTTENLYFQGAMVSKGEEDNMAIIKEFMRFKVHMEGSVNGHEFEIEGEGEGRPYEGTQTAKLKVTK
GGPLPFAWDILSPQFMYGSKAYVKHPADIPDYLKLSFPEGFKWERVMNFEDGGVVTVTQDSSLQDGEFIYKVKLRGTNFP
SDGPVMQKKTMGWEASSERMYPEDGALKGEIKQRLKLKDGGHYDAEVKTTYKAKKPVQLPGAYNVNIKLDITSHNEDYTI
VEQYERAEGRHSTGGMDELYKAMDPMQEVQSSRSGRGGNFGFGDSRGGGGNFGPGPGSNFRGGSDGYGSGRGFGDGYNGY
GGGPGGGNFGGSPGYGGGRGGYGGGGPGYGNQGGGYGGGYDNYGGGNYGSGNYNDFGNYNQQPSNYGPMKSGNFGGSRNM
GGPYGGGNYGPGGSGGSGGYGGRSRY
;
_entity_poly.pdbx_strand_id   A,B,C,D,E
#
# COMPACT_ATOMS: atom_id res chain seq x y z
N GLY A 348 -20.60 13.67 -10.39
CA GLY A 348 -20.12 13.92 -9.05
C GLY A 348 -19.17 12.86 -8.54
N TYR A 349 -17.93 13.26 -8.26
CA TYR A 349 -16.91 12.34 -7.74
C TYR A 349 -16.73 12.61 -6.25
N GLY A 350 -17.37 11.78 -5.44
CA GLY A 350 -17.22 11.83 -4.00
C GLY A 350 -17.40 13.19 -3.36
N ASN A 351 -18.18 14.07 -3.97
CA ASN A 351 -18.47 15.36 -3.35
C ASN A 351 -19.21 15.15 -2.04
N GLN A 352 -18.97 16.06 -1.10
CA GLN A 352 -19.50 15.95 0.27
C GLN A 352 -19.14 14.61 0.91
N GLY A 353 -18.06 13.98 0.45
CA GLY A 353 -17.66 12.69 0.94
C GLY A 353 -16.23 12.31 0.62
N GLY A 354 -16.00 11.02 0.34
CA GLY A 354 -14.65 10.52 0.20
C GLY A 354 -13.86 11.14 -0.93
N GLY A 355 -14.51 11.61 -1.98
CA GLY A 355 -13.80 12.24 -3.06
C GLY A 355 -13.21 11.25 -4.05
N TYR A 356 -12.06 11.63 -4.60
CA TYR A 356 -11.40 10.84 -5.63
C TYR A 356 -10.06 10.33 -5.14
N GLY A 357 -9.96 9.01 -5.01
CA GLY A 357 -8.75 8.41 -4.46
C GLY A 357 -7.48 8.84 -5.17
N GLY A 358 -7.52 8.94 -6.50
CA GLY A 358 -6.42 9.47 -7.26
C GLY A 358 -5.97 8.53 -8.35
N GLY A 359 -4.84 8.88 -8.95
CA GLY A 359 -4.25 8.07 -10.00
C GLY A 359 -2.95 7.42 -9.56
N TYR A 360 -2.91 6.10 -9.53
CA TYR A 360 -1.75 5.35 -9.05
C TYR A 360 -1.31 4.42 -10.17
N ASP A 361 -0.17 4.74 -10.78
CA ASP A 361 0.33 4.02 -11.94
C ASP A 361 1.78 3.61 -11.72
N ASN A 362 2.05 2.33 -11.94
CA ASN A 362 3.38 1.77 -11.76
C ASN A 362 3.91 1.26 -13.09
N TYR A 363 5.02 1.84 -13.55
CA TYR A 363 5.64 1.42 -14.80
C TYR A 363 7.00 0.77 -14.61
N GLY A 364 7.39 0.48 -13.37
CA GLY A 364 8.71 -0.06 -13.11
C GLY A 364 8.65 -1.22 -12.14
N GLY A 365 9.76 -1.94 -12.04
CA GLY A 365 9.87 -3.09 -11.17
C GLY A 365 9.96 -2.74 -9.70
N GLY A 366 10.46 -3.65 -8.89
CA GLY A 366 10.55 -3.43 -7.47
C GLY A 366 9.19 -3.41 -6.81
N ASN A 367 9.19 -3.04 -5.54
CA ASN A 367 7.96 -2.98 -4.76
C ASN A 367 7.17 -1.72 -5.08
N TYR A 368 5.85 -1.83 -4.98
CA TYR A 368 4.96 -0.69 -5.18
C TYR A 368 3.74 -0.89 -4.31
N GLY A 369 3.55 -0.03 -3.31
CA GLY A 369 2.34 -0.08 -2.53
C GLY A 369 2.51 0.02 -1.03
N SER A 370 1.94 -0.92 -0.31
CA SER A 370 1.98 -0.93 1.14
C SER A 370 2.64 -2.18 1.71
N GLY A 371 2.87 -3.20 0.88
CA GLY A 371 3.56 -4.38 1.34
C GLY A 371 5.02 -4.11 1.61
N ASN A 372 5.55 -4.77 2.63
CA ASN A 372 6.94 -4.60 3.01
C ASN A 372 7.85 -5.36 2.05
N TYR A 373 9.07 -4.84 1.88
CA TYR A 373 9.99 -5.32 0.86
C TYR A 373 11.30 -5.75 1.51
N ASN A 374 11.60 -7.05 1.44
CA ASN A 374 12.87 -7.60 1.90
C ASN A 374 13.69 -7.99 0.68
N ASP A 375 14.79 -7.28 0.46
CA ASP A 375 15.73 -7.60 -0.61
C ASP A 375 17.01 -8.11 0.04
N PHE A 376 17.27 -9.41 -0.10
CA PHE A 376 18.39 -10.05 0.57
C PHE A 376 19.71 -9.86 -0.18
N GLY A 377 19.74 -9.02 -1.20
CA GLY A 377 20.98 -8.55 -1.74
C GLY A 377 21.80 -9.53 -2.58
N ASN A 378 23.10 -9.30 -2.55
CA ASN A 378 24.06 -9.89 -3.46
C ASN A 378 25.26 -10.44 -2.68
N TYR A 379 25.50 -11.74 -2.83
CA TYR A 379 26.70 -12.38 -2.25
C TYR A 379 26.75 -12.24 -0.73
N ASN A 380 25.59 -12.17 -0.08
CA ASN A 380 25.56 -11.96 1.35
C ASN A 380 25.68 -13.29 2.10
N GLN A 381 26.30 -13.22 3.27
CA GLN A 381 26.51 -14.39 4.12
C GLN A 381 25.41 -14.42 5.18
N GLN A 382 24.45 -15.31 5.00
CA GLN A 382 23.41 -15.59 5.98
C GLN A 382 22.63 -14.33 6.40
N PRO A 383 21.89 -13.71 5.49
CA PRO A 383 21.02 -12.61 5.90
C PRO A 383 19.67 -13.11 6.37
N SER A 384 19.14 -12.47 7.41
CA SER A 384 17.87 -12.88 8.00
C SER A 384 17.05 -11.65 8.34
N ASN A 385 15.78 -11.88 8.67
CA ASN A 385 14.87 -10.80 9.04
C ASN A 385 14.43 -10.87 10.49
N TYR A 386 13.75 -11.96 10.89
CA TYR A 386 13.20 -12.15 12.22
C TYR A 386 12.09 -11.14 12.53
N GLY A 387 11.70 -10.32 11.56
CA GLY A 387 10.71 -9.30 11.80
C GLY A 387 9.40 -9.57 11.08
N PRO A 388 8.31 -9.68 11.85
CA PRO A 388 7.00 -9.86 11.22
C PRO A 388 6.58 -8.62 10.45
N MET A 389 5.75 -8.83 9.43
CA MET A 389 5.34 -7.77 8.54
C MET A 389 3.83 -7.70 8.42
N LYS A 390 3.28 -6.53 8.74
CA LYS A 390 1.85 -6.29 8.56
C LYS A 390 1.66 -5.04 7.72
N SER A 391 0.87 -5.17 6.64
CA SER A 391 0.72 -4.11 5.66
C SER A 391 -0.74 -3.69 5.53
N GLY A 392 -1.00 -2.41 5.75
CA GLY A 392 -2.33 -1.86 5.69
C GLY A 392 -2.98 -1.98 4.32
N ASN A 393 -4.20 -1.45 4.23
CA ASN A 393 -5.04 -1.67 3.06
C ASN A 393 -4.52 -0.90 1.84
N PHE A 394 -4.82 -1.43 0.66
CA PHE A 394 -4.40 -0.86 -0.62
C PHE A 394 -5.65 -0.36 -1.34
N GLY A 395 -5.75 0.95 -1.53
CA GLY A 395 -6.84 1.53 -2.29
C GLY A 395 -8.19 1.28 -1.64
N GLY A 396 -9.24 1.48 -2.44
CA GLY A 396 -10.59 1.22 -2.02
C GLY A 396 -11.34 2.47 -1.59
N SER A 397 -12.65 2.30 -1.45
CA SER A 397 -13.56 3.38 -1.06
C SER A 397 -14.36 2.95 0.15
N ARG A 398 -14.32 3.76 1.22
CA ARG A 398 -14.97 3.41 2.47
C ARG A 398 -15.81 4.57 2.97
N ASN A 399 -17.07 4.31 3.26
CA ASN A 399 -17.98 5.31 3.80
C ASN A 399 -18.36 4.93 5.22
N MET A 400 -18.03 5.80 6.16
CA MET A 400 -18.47 5.68 7.55
C MET A 400 -19.15 6.97 7.99
N GLY A 401 -20.00 7.53 7.13
CA GLY A 401 -20.62 8.80 7.41
C GLY A 401 -21.75 8.71 8.41
N GLY A 402 -21.98 9.83 9.10
CA GLY A 402 -22.95 9.91 10.15
C GLY A 402 -24.38 9.77 9.68
N PRO A 403 -25.33 10.16 10.53
CA PRO A 403 -26.74 9.94 10.20
C PRO A 403 -27.18 10.76 9.00
N TYR A 404 -28.07 10.17 8.20
CA TYR A 404 -28.59 10.83 7.01
C TYR A 404 -30.01 11.35 7.24
N GLY B 348 -17.34 17.64 -10.38
CA GLY B 348 -16.92 17.90 -9.02
C GLY B 348 -16.01 16.83 -8.45
N TYR B 349 -14.78 17.23 -8.11
CA TYR B 349 -13.80 16.31 -7.53
C TYR B 349 -13.68 16.61 -6.05
N GLY B 350 -14.36 15.80 -5.25
CA GLY B 350 -14.28 15.89 -3.80
C GLY B 350 -14.47 17.25 -3.19
N ASN B 351 -15.21 18.14 -3.86
CA ASN B 351 -15.51 19.44 -3.28
C ASN B 351 -16.30 19.27 -2.00
N GLN B 352 -16.10 20.20 -1.07
CA GLN B 352 -16.69 20.13 0.27
C GLN B 352 -16.38 18.79 0.96
N GLY B 353 -15.29 18.15 0.56
CA GLY B 353 -14.93 16.85 1.10
C GLY B 353 -13.49 16.44 0.86
N GLY B 354 -13.27 15.15 0.61
CA GLY B 354 -11.92 14.62 0.54
C GLY B 354 -11.07 15.21 -0.56
N GLY B 355 -11.67 15.67 -1.65
CA GLY B 355 -10.90 16.27 -2.72
C GLY B 355 -10.28 15.25 -3.65
N TYR B 356 -9.11 15.60 -4.17
CA TYR B 356 -8.42 14.78 -5.14
C TYR B 356 -7.10 14.26 -4.58
N GLY B 357 -7.02 12.94 -4.42
CA GLY B 357 -5.84 12.33 -3.80
C GLY B 357 -4.54 12.74 -4.46
N GLY B 358 -4.52 12.81 -5.79
CA GLY B 358 -3.38 13.31 -6.51
C GLY B 358 -2.89 12.34 -7.56
N GLY B 359 -1.72 12.65 -8.11
CA GLY B 359 -1.11 11.81 -9.11
C GLY B 359 0.16 11.17 -8.61
N TYR B 360 0.18 9.84 -8.56
CA TYR B 360 1.31 9.08 -8.00
C TYR B 360 1.79 8.13 -9.08
N ASP B 361 2.95 8.41 -9.64
CA ASP B 361 3.50 7.67 -10.76
C ASP B 361 4.93 7.24 -10.47
N ASN B 362 5.19 5.95 -10.64
CA ASN B 362 6.51 5.38 -10.40
C ASN B 362 7.09 4.84 -11.69
N TYR B 363 8.22 5.39 -12.11
CA TYR B 363 8.89 4.94 -13.33
C TYR B 363 10.23 4.27 -13.06
N GLY B 364 10.57 4.01 -11.79
CA GLY B 364 11.86 3.44 -11.47
C GLY B 364 11.74 2.31 -10.47
N GLY B 365 12.84 1.58 -10.31
CA GLY B 365 12.90 0.45 -9.41
C GLY B 365 12.91 0.84 -7.94
N GLY B 366 13.37 -0.08 -7.10
CA GLY B 366 13.40 0.19 -5.68
C GLY B 366 12.00 0.24 -5.08
N ASN B 367 11.95 0.63 -3.81
CA ASN B 367 10.70 0.72 -3.10
C ASN B 367 9.94 1.98 -3.48
N TYR B 368 8.61 1.89 -3.44
CA TYR B 368 7.75 3.04 -3.70
C TYR B 368 6.48 2.87 -2.88
N GLY B 369 6.27 3.76 -1.92
CA GLY B 369 5.01 3.74 -1.19
C GLY B 369 5.13 3.88 0.32
N SER B 370 4.50 2.96 1.03
CA SER B 370 4.48 2.99 2.48
C SER B 370 5.09 1.74 3.10
N GLY B 371 5.35 0.70 2.31
CA GLY B 371 5.99 -0.49 2.83
C GLY B 371 7.46 -0.23 3.15
N ASN B 372 7.93 -0.87 4.21
CA ASN B 372 9.31 -0.71 4.64
C ASN B 372 10.25 -1.50 3.74
N TYR B 373 11.47 -1.01 3.62
CA TYR B 373 12.44 -1.53 2.65
C TYR B 373 13.70 -1.96 3.37
N ASN B 374 13.99 -3.26 3.34
CA ASN B 374 15.23 -3.82 3.87
C ASN B 374 16.09 -4.25 2.71
N ASP B 375 17.22 -3.56 2.51
CA ASP B 375 18.20 -3.91 1.50
C ASP B 375 19.44 -4.42 2.22
N PHE B 376 19.69 -5.73 2.12
CA PHE B 376 20.77 -6.36 2.85
C PHE B 376 22.12 -6.21 2.16
N GLY B 377 22.21 -5.40 1.11
CA GLY B 377 23.48 -4.96 0.62
C GLY B 377 24.32 -5.96 -0.16
N ASN B 378 25.63 -5.75 -0.06
CA ASN B 378 26.61 -6.37 -0.92
C ASN B 378 27.76 -6.91 -0.08
N TYR B 379 28.01 -8.22 -0.17
CA TYR B 379 29.16 -8.86 0.46
C TYR B 379 29.15 -8.69 1.98
N ASN B 380 27.96 -8.60 2.57
CA ASN B 380 27.86 -8.36 4.00
C ASN B 380 27.93 -9.67 4.78
N GLN B 381 28.50 -9.59 5.97
CA GLN B 381 28.65 -10.73 6.86
C GLN B 381 27.52 -10.73 7.86
N GLN B 382 26.54 -11.61 7.66
CA GLN B 382 25.45 -11.85 8.60
C GLN B 382 24.68 -10.58 8.96
N PRO B 383 23.98 -9.98 8.01
CA PRO B 383 23.12 -8.83 8.34
C PRO B 383 21.74 -9.32 8.77
N SER B 384 21.18 -8.65 9.77
CA SER B 384 19.88 -9.03 10.30
C SER B 384 19.05 -7.78 10.58
N ASN B 385 17.77 -7.99 10.86
CA ASN B 385 16.86 -6.89 11.15
C ASN B 385 16.35 -6.92 12.60
N TYR B 386 15.64 -7.99 12.98
CA TYR B 386 15.02 -8.14 14.29
C TYR B 386 13.91 -7.12 14.53
N GLY B 387 13.59 -6.31 13.53
CA GLY B 387 12.60 -5.27 13.70
C GLY B 387 11.32 -5.54 12.93
N PRO B 388 10.20 -5.62 13.64
CA PRO B 388 8.91 -5.80 12.96
C PRO B 388 8.55 -4.57 12.15
N MET B 389 7.76 -4.79 11.10
CA MET B 389 7.40 -3.74 10.16
C MET B 389 5.90 -3.66 9.98
N LYS B 390 5.35 -2.47 10.24
CA LYS B 390 3.94 -2.22 10.00
C LYS B 390 3.80 -0.99 9.11
N SER B 391 3.07 -1.13 8.01
CA SER B 391 2.97 -0.08 7.01
C SER B 391 1.52 0.35 6.80
N GLY B 392 1.28 1.65 6.98
CA GLY B 392 -0.05 2.20 6.84
C GLY B 392 -0.63 2.07 5.44
N ASN B 393 -1.84 2.60 5.29
CA ASN B 393 -2.63 2.39 4.08
C ASN B 393 -2.04 3.12 2.88
N PHE B 394 -2.29 2.56 1.70
CA PHE B 394 -1.82 3.10 0.44
C PHE B 394 -3.02 3.60 -0.36
N GLY B 395 -3.08 4.91 -0.58
CA GLY B 395 -4.13 5.49 -1.40
C GLY B 395 -5.53 5.27 -0.81
N GLY B 396 -6.53 5.46 -1.66
CA GLY B 396 -7.90 5.23 -1.29
C GLY B 396 -8.65 6.50 -0.93
N SER B 397 -9.97 6.36 -0.84
CA SER B 397 -10.87 7.45 -0.52
C SER B 397 -11.74 7.06 0.66
N ARG B 398 -11.74 7.88 1.70
CA ARG B 398 -12.45 7.58 2.94
C ARG B 398 -13.29 8.76 3.38
N ASN B 399 -14.58 8.52 3.61
CA ASN B 399 -15.49 9.54 4.09
C ASN B 399 -15.94 9.21 5.50
N MET B 400 -15.64 10.09 6.44
CA MET B 400 -16.15 10.00 7.81
C MET B 400 -16.82 11.31 8.19
N GLY B 401 -17.62 11.86 7.27
CA GLY B 401 -18.23 13.15 7.50
C GLY B 401 -19.42 13.09 8.45
N GLY B 402 -19.65 14.23 9.10
CA GLY B 402 -20.68 14.33 10.12
C GLY B 402 -22.09 14.21 9.57
N PRO B 403 -23.07 14.64 10.37
CA PRO B 403 -24.47 14.43 9.98
C PRO B 403 -24.84 15.23 8.75
N TYR B 404 -25.69 14.64 7.92
CA TYR B 404 -26.15 15.28 6.69
C TYR B 404 -27.56 15.82 6.85
N GLY C 348 -14.26 21.52 -10.28
CA GLY C 348 -13.89 21.83 -8.91
C GLY C 348 -13.02 20.76 -8.28
N TYR C 349 -11.79 21.14 -7.90
CA TYR C 349 -10.84 20.23 -7.26
C TYR C 349 -10.79 20.58 -5.78
N GLY C 350 -11.51 19.80 -4.99
CA GLY C 350 -11.48 19.91 -3.54
C GLY C 350 -11.69 21.31 -2.98
N ASN C 351 -12.39 22.18 -3.71
CA ASN C 351 -12.69 23.50 -3.17
C ASN C 351 -13.54 23.38 -1.92
N GLN C 352 -13.35 24.33 -1.00
CA GLN C 352 -14.00 24.30 0.31
C GLN C 352 -13.74 22.99 1.04
N GLY C 353 -12.64 22.32 0.71
CA GLY C 353 -12.33 21.03 1.30
C GLY C 353 -10.89 20.61 1.12
N GLY C 354 -10.68 19.30 0.93
CA GLY C 354 -9.34 18.75 0.92
C GLY C 354 -8.42 19.30 -0.16
N GLY C 355 -8.98 19.72 -1.28
CA GLY C 355 -8.15 20.29 -2.33
C GLY C 355 -7.51 19.23 -3.21
N TYR C 356 -6.31 19.55 -3.69
CA TYR C 356 -5.59 18.70 -4.62
C TYR C 356 -4.30 18.18 -3.98
N GLY C 357 -4.26 16.86 -3.78
CA GLY C 357 -3.12 16.25 -3.10
C GLY C 357 -1.78 16.63 -3.72
N GLY C 358 -1.70 16.66 -5.03
CA GLY C 358 -0.53 17.13 -5.73
C GLY C 358 -0.01 16.11 -6.73
N GLY C 359 1.19 16.40 -7.24
CA GLY C 359 1.82 15.52 -8.20
C GLY C 359 3.07 14.87 -7.62
N TYR C 360 3.06 13.55 -7.53
CA TYR C 360 4.16 12.79 -6.91
C TYR C 360 4.67 11.79 -7.94
N ASP C 361 5.86 12.06 -8.46
CA ASP C 361 6.43 11.27 -9.55
C ASP C 361 7.85 10.83 -9.19
N ASN C 362 8.10 9.53 -9.31
CA ASN C 362 9.39 8.95 -8.98
C ASN C 362 10.02 8.37 -10.24
N TYR C 363 11.18 8.90 -10.63
CA TYR C 363 11.89 8.40 -11.80
C TYR C 363 13.21 7.71 -11.46
N GLY C 364 13.49 7.49 -10.18
CA GLY C 364 14.76 6.91 -9.78
C GLY C 364 14.58 5.81 -8.77
N GLY C 365 15.67 5.08 -8.53
CA GLY C 365 15.66 3.97 -7.60
C GLY C 365 15.63 4.39 -6.15
N GLY C 366 16.04 3.50 -5.26
CA GLY C 366 16.01 3.81 -3.85
C GLY C 366 14.58 3.89 -3.32
N ASN C 367 14.50 4.33 -2.06
CA ASN C 367 13.21 4.45 -1.40
C ASN C 367 12.49 5.71 -1.84
N TYR C 368 11.17 5.64 -1.85
CA TYR C 368 10.33 6.79 -2.18
C TYR C 368 9.03 6.66 -1.41
N GLY C 369 8.79 7.57 -0.48
CA GLY C 369 7.51 7.60 0.20
C GLY C 369 7.57 7.77 1.70
N SER C 370 6.89 6.88 2.41
CA SER C 370 6.81 6.95 3.86
C SER C 370 7.38 5.71 4.54
N GLY C 371 7.66 4.65 3.78
CA GLY C 371 8.26 3.46 4.36
C GLY C 371 9.71 3.72 4.74
N ASN C 372 10.13 3.10 5.84
CA ASN C 372 11.49 3.26 6.32
C ASN C 372 12.45 2.42 5.48
N TYR C 373 13.70 2.90 5.39
CA TYR C 373 14.69 2.34 4.48
C TYR C 373 15.92 1.91 5.26
N ASN C 374 16.18 0.61 5.28
CA ASN C 374 17.40 0.05 5.88
C ASN C 374 18.30 -0.42 4.75
N ASP C 375 19.44 0.24 4.59
CA ASP C 375 20.46 -0.15 3.63
C ASP C 375 21.67 -0.66 4.41
N PHE C 376 21.90 -1.97 4.36
CA PHE C 376 22.94 -2.60 5.15
C PHE C 376 24.32 -2.49 4.51
N GLY C 377 24.45 -1.71 3.46
CA GLY C 377 25.75 -1.29 3.01
C GLY C 377 26.61 -2.33 2.28
N ASN C 378 27.91 -2.12 2.43
CA ASN C 378 28.93 -2.78 1.62
C ASN C 378 30.04 -3.32 2.53
N TYR C 379 30.26 -4.64 2.48
CA TYR C 379 31.38 -5.27 3.18
C TYR C 379 31.30 -5.07 4.69
N ASN C 380 30.10 -4.94 5.24
CA ASN C 380 29.95 -4.65 6.65
C ASN C 380 29.96 -5.94 7.46
N GLN C 381 30.48 -5.83 8.68
CA GLN C 381 30.59 -6.96 9.61
C GLN C 381 29.41 -6.91 10.56
N GLN C 382 28.44 -7.79 10.34
CA GLN C 382 27.31 -7.98 11.24
C GLN C 382 26.53 -6.70 11.53
N PRO C 383 25.88 -6.09 10.53
CA PRO C 383 25.02 -4.95 10.81
C PRO C 383 23.62 -5.39 11.19
N SER C 384 23.02 -4.68 12.14
CA SER C 384 21.70 -5.04 12.63
C SER C 384 20.89 -3.78 12.84
N ASN C 385 19.59 -3.95 13.07
CA ASN C 385 18.69 -2.83 13.31
C ASN C 385 18.12 -2.83 14.72
N TYR C 386 17.38 -3.86 15.11
CA TYR C 386 16.70 -3.97 16.40
C TYR C 386 15.60 -2.92 16.57
N GLY C 387 15.33 -2.15 15.53
CA GLY C 387 14.35 -1.09 15.61
C GLY C 387 13.10 -1.37 14.81
N PRO C 388 11.96 -1.41 15.47
CA PRO C 388 10.69 -1.59 14.75
C PRO C 388 10.37 -0.38 13.89
N MET C 389 9.62 -0.62 12.82
CA MET C 389 9.33 0.41 11.83
C MET C 389 7.83 0.51 11.58
N LYS C 390 7.29 1.71 11.80
CA LYS C 390 5.89 1.97 11.49
C LYS C 390 5.80 3.18 10.56
N SER C 391 5.12 3.02 9.44
CA SER C 391 5.08 4.04 8.41
C SER C 391 3.65 4.47 8.13
N GLY C 392 3.41 5.78 8.26
CA GLY C 392 2.10 6.36 8.05
C GLY C 392 1.57 6.19 6.63
N ASN C 393 0.37 6.74 6.42
CA ASN C 393 -0.37 6.49 5.19
C ASN C 393 0.28 7.19 3.99
N PHE C 394 0.07 6.60 2.81
CA PHE C 394 0.60 7.09 1.56
C PHE C 394 -0.55 7.59 0.70
N GLY C 395 -0.60 8.89 0.44
CA GLY C 395 -1.61 9.46 -0.44
C GLY C 395 -3.01 9.28 0.10
N GLY C 396 -3.98 9.46 -0.79
CA GLY C 396 -5.38 9.26 -0.48
C GLY C 396 -6.11 10.55 -0.19
N SER C 397 -7.44 10.42 -0.15
CA SER C 397 -8.34 11.54 0.11
C SER C 397 -9.27 11.19 1.26
N ARG C 398 -9.29 12.04 2.29
CA ARG C 398 -10.05 11.77 3.50
C ARG C 398 -10.89 12.98 3.87
N ASN C 399 -12.19 12.76 4.05
CA ASN C 399 -13.11 13.81 4.46
C ASN C 399 -13.62 13.52 5.87
N MET C 400 -13.35 14.43 6.80
CA MET C 400 -13.92 14.39 8.13
C MET C 400 -14.58 15.72 8.46
N GLY C 401 -15.34 16.24 7.50
CA GLY C 401 -15.93 17.56 7.66
C GLY C 401 -17.16 17.54 8.56
N GLY C 402 -17.40 18.70 9.17
CA GLY C 402 -18.47 18.85 10.13
C GLY C 402 -19.85 18.73 9.54
N PRO C 403 -20.86 19.19 10.28
CA PRO C 403 -22.25 18.99 9.86
C PRO C 403 -22.55 19.76 8.57
N TYR C 404 -23.39 19.15 7.74
CA TYR C 404 -23.79 19.76 6.47
C TYR C 404 -25.19 20.33 6.56
N GLY D 348 -26.74 5.66 -10.35
CA GLY D 348 -26.15 5.86 -9.04
C GLY D 348 -25.12 4.80 -8.68
N TYR D 349 -23.87 5.21 -8.47
CA TYR D 349 -22.79 4.31 -8.09
C TYR D 349 -22.49 4.52 -6.62
N GLY D 350 -23.03 3.62 -5.80
CA GLY D 350 -22.75 3.61 -4.37
C GLY D 350 -22.92 4.92 -3.65
N ASN D 351 -23.77 5.82 -4.15
CA ASN D 351 -24.04 7.06 -3.44
C ASN D 351 -24.65 6.76 -2.09
N GLN D 352 -24.35 7.63 -1.12
CA GLN D 352 -24.76 7.45 0.27
C GLN D 352 -24.32 6.09 0.81
N GLY D 353 -23.26 5.52 0.23
CA GLY D 353 -22.79 4.21 0.63
C GLY D 353 -21.39 3.90 0.16
N GLY D 354 -21.16 2.64 -0.20
CA GLY D 354 -19.80 2.17 -0.48
C GLY D 354 -19.12 2.87 -1.64
N GLY D 355 -19.89 3.37 -2.60
CA GLY D 355 -19.29 4.08 -3.71
C GLY D 355 -18.76 3.15 -4.79
N TYR D 356 -17.67 3.59 -5.43
CA TYR D 356 -17.09 2.87 -6.54
C TYR D 356 -15.69 2.37 -6.19
N GLY D 357 -15.54 1.05 -6.14
CA GLY D 357 -14.28 0.46 -5.73
C GLY D 357 -13.10 0.97 -6.52
N GLY D 358 -13.25 1.13 -7.83
CA GLY D 358 -12.22 1.73 -8.65
C GLY D 358 -11.85 0.86 -9.82
N GLY D 359 -10.78 1.26 -10.50
CA GLY D 359 -10.27 0.52 -11.63
C GLY D 359 -8.92 -0.10 -11.36
N TYR D 360 -8.85 -1.42 -11.40
CA TYR D 360 -7.63 -2.16 -11.05
C TYR D 360 -7.26 -3.02 -12.24
N ASP D 361 -6.19 -2.64 -12.93
CA ASP D 361 -5.78 -3.28 -14.17
C ASP D 361 -4.31 -3.67 -14.10
N ASN D 362 -4.02 -4.93 -14.40
CA ASN D 362 -2.66 -5.45 -14.36
C ASN D 362 -2.24 -5.88 -15.75
N TYR D 363 -1.19 -5.25 -16.28
CA TYR D 363 -0.68 -5.59 -17.60
C TYR D 363 0.71 -6.21 -17.55
N GLY D 364 1.22 -6.54 -16.37
CA GLY D 364 2.57 -7.06 -16.26
C GLY D 364 2.63 -8.27 -15.34
N GLY D 365 3.76 -8.95 -15.38
CA GLY D 365 3.97 -10.14 -14.58
C GLY D 365 4.18 -9.86 -13.11
N GLY D 366 4.78 -10.80 -12.39
CA GLY D 366 4.98 -10.63 -10.97
C GLY D 366 3.67 -10.69 -10.20
N ASN D 367 3.78 -10.38 -8.91
CA ASN D 367 2.62 -10.39 -8.03
C ASN D 367 1.78 -9.15 -8.22
N TYR D 368 0.48 -9.29 -8.01
CA TYR D 368 -0.46 -8.18 -8.07
C TYR D 368 -1.60 -8.46 -7.11
N GLY D 369 -1.71 -7.65 -6.06
CA GLY D 369 -2.86 -7.78 -5.19
C GLY D 369 -2.55 -7.74 -3.70
N SER D 370 -3.05 -8.73 -2.98
CA SER D 370 -2.87 -8.81 -1.54
C SER D 370 -2.14 -10.06 -1.11
N GLY D 371 -1.96 -11.03 -2.00
CA GLY D 371 -1.20 -12.22 -1.65
C GLY D 371 0.28 -11.92 -1.50
N ASN D 372 0.91 -12.61 -0.55
CA ASN D 372 2.33 -12.42 -0.30
C ASN D 372 3.18 -13.10 -1.37
N TYR D 373 4.35 -12.54 -1.62
CA TYR D 373 5.20 -12.95 -2.73
C TYR D 373 6.56 -13.36 -2.22
N ASN D 374 6.89 -14.64 -2.38
CA ASN D 374 8.20 -15.19 -2.06
C ASN D 374 8.93 -15.49 -3.36
N ASP D 375 9.99 -14.74 -3.64
CA ASP D 375 10.85 -14.97 -4.80
C ASP D 375 12.18 -15.48 -4.29
N PHE D 376 12.46 -16.77 -4.51
CA PHE D 376 13.65 -17.40 -3.98
C PHE D 376 14.90 -17.14 -4.82
N GLY D 377 14.81 -16.25 -5.80
CA GLY D 377 16.00 -15.71 -6.43
C GLY D 377 16.76 -16.63 -7.38
N ASN D 378 18.06 -16.36 -7.44
CA ASN D 378 18.95 -16.88 -8.47
C ASN D 378 20.21 -17.42 -7.83
N TYR D 379 20.49 -18.72 -8.05
CA TYR D 379 21.74 -19.34 -7.61
C TYR D 379 21.92 -19.27 -6.09
N ASN D 380 20.82 -19.28 -5.35
CA ASN D 380 20.91 -19.13 -3.91
C ASN D 380 21.12 -20.48 -3.23
N GLN D 381 21.85 -20.46 -2.13
CA GLN D 381 22.16 -21.66 -1.36
C GLN D 381 21.16 -21.78 -0.21
N GLN D 382 20.20 -22.69 -0.35
CA GLN D 382 19.26 -23.04 0.70
C GLN D 382 18.49 -21.83 1.25
N PRO D 383 17.66 -21.19 0.44
CA PRO D 383 16.80 -20.13 0.97
C PRO D 383 15.51 -20.70 1.54
N SER D 384 15.06 -20.12 2.65
CA SER D 384 13.86 -20.60 3.31
C SER D 384 13.04 -19.42 3.79
N ASN D 385 11.81 -19.69 4.22
CA ASN D 385 10.91 -18.65 4.71
C ASN D 385 10.60 -18.81 6.19
N TYR D 386 9.97 -19.93 6.58
CA TYR D 386 9.54 -20.21 7.96
C TYR D 386 8.44 -19.25 8.41
N GLY D 387 7.96 -18.40 7.52
CA GLY D 387 6.97 -17.41 7.89
C GLY D 387 5.61 -17.70 7.27
N PRO D 388 4.59 -17.87 8.12
CA PRO D 388 3.24 -18.06 7.61
C PRO D 388 2.72 -16.80 6.94
N MET D 389 1.82 -16.98 5.99
CA MET D 389 1.29 -15.89 5.18
C MET D 389 -0.23 -15.86 5.20
N LYS D 390 -0.78 -14.72 5.62
CA LYS D 390 -2.22 -14.53 5.58
C LYS D 390 -2.52 -13.24 4.82
N SER D 391 -3.38 -13.33 3.81
CA SER D 391 -3.65 -12.23 2.90
C SER D 391 -5.13 -11.86 2.92
N GLY D 392 -5.40 -10.60 3.23
CA GLY D 392 -6.75 -10.09 3.30
C GLY D 392 -7.51 -10.15 1.98
N ASN D 393 -8.75 -9.66 2.03
CA ASN D 393 -9.68 -9.83 0.93
C ASN D 393 -9.29 -9.00 -0.29
N PHE D 394 -9.67 -9.48 -1.47
CA PHE D 394 -9.38 -8.83 -2.73
C PHE D 394 -10.70 -8.35 -3.33
N GLY D 395 -10.84 -7.04 -3.44
CA GLY D 395 -12.02 -6.45 -4.07
C GLY D 395 -13.30 -6.77 -3.33
N GLY D 396 -14.42 -6.56 -4.03
CA GLY D 396 -15.72 -6.88 -3.50
C GLY D 396 -16.46 -5.68 -2.95
N SER D 397 -17.75 -5.88 -2.70
CA SER D 397 -18.64 -4.86 -2.19
C SER D 397 -19.34 -5.37 -0.94
N ARG D 398 -19.22 -4.62 0.16
CA ARG D 398 -19.74 -5.04 1.45
C ARG D 398 -20.56 -3.92 2.07
N ASN D 399 -21.79 -4.25 2.46
CA ASN D 399 -22.68 -3.30 3.12
C ASN D 399 -22.93 -3.76 4.55
N MET D 400 -22.53 -2.92 5.51
CA MET D 400 -22.86 -3.12 6.92
C MET D 400 -23.51 -1.87 7.48
N GLY D 401 -24.45 -1.31 6.72
CA GLY D 401 -25.07 -0.06 7.12
C GLY D 401 -26.12 -0.23 8.21
N GLY D 402 -26.31 0.84 8.96
CA GLY D 402 -27.19 0.84 10.10
C GLY D 402 -28.66 0.69 9.75
N PRO D 403 -29.53 1.00 10.69
CA PRO D 403 -30.96 0.76 10.48
C PRO D 403 -31.52 1.63 9.36
N TYR D 404 -32.46 1.05 8.61
CA TYR D 404 -33.10 1.74 7.50
C TYR D 404 -34.50 2.21 7.88
N GLY E 348 -23.69 9.69 -10.39
CA GLY E 348 -23.15 9.91 -9.06
C GLY E 348 -22.17 8.84 -8.62
N TYR E 349 -20.93 9.25 -8.39
CA TYR E 349 -19.88 8.34 -7.94
C TYR E 349 -19.63 8.58 -6.45
N GLY E 350 -20.22 7.72 -5.63
CA GLY E 350 -20.01 7.74 -4.19
C GLY E 350 -20.19 9.08 -3.51
N ASN E 351 -21.01 9.96 -4.07
CA ASN E 351 -21.28 11.22 -3.41
C ASN E 351 -21.96 10.98 -2.06
N GLN E 352 -21.69 11.86 -1.11
CA GLN E 352 -22.16 11.72 0.27
C GLN E 352 -21.76 10.37 0.86
N GLY E 353 -20.69 9.77 0.33
CA GLY E 353 -20.25 8.46 0.78
C GLY E 353 -18.84 8.11 0.40
N GLY E 354 -18.61 6.84 0.06
CA GLY E 354 -17.25 6.35 -0.15
C GLY E 354 -16.51 7.02 -1.29
N GLY E 355 -17.23 7.50 -2.30
CA GLY E 355 -16.56 8.18 -3.40
C GLY E 355 -16.00 7.21 -4.43
N TYR E 356 -14.89 7.62 -5.03
CA TYR E 356 -14.26 6.87 -6.10
C TYR E 356 -12.89 6.37 -5.67
N GLY E 357 -12.77 5.04 -5.59
CA GLY E 357 -11.53 4.44 -5.11
C GLY E 357 -10.30 4.92 -5.86
N GLY E 358 -10.39 5.04 -7.17
CA GLY E 358 -9.33 5.62 -7.97
C GLY E 358 -8.93 4.71 -9.11
N GLY E 359 -7.82 5.08 -9.74
CA GLY E 359 -7.28 4.30 -10.84
C GLY E 359 -5.94 3.68 -10.47
N TYR E 360 -5.89 2.35 -10.48
CA TYR E 360 -4.70 1.60 -10.06
C TYR E 360 -4.29 0.70 -11.23
N ASP E 361 -3.18 1.06 -11.88
CA ASP E 361 -2.73 0.38 -13.07
C ASP E 361 -1.27 -0.03 -12.93
N ASN E 362 -0.99 -1.30 -13.19
CA ASN E 362 0.36 -1.84 -13.08
C ASN E 362 0.84 -2.30 -14.44
N TYR E 363 1.92 -1.70 -14.94
CA TYR E 363 2.48 -2.08 -16.22
C TYR E 363 3.86 -2.72 -16.10
N GLY E 364 4.33 -3.03 -14.89
CA GLY E 364 5.65 -3.56 -14.71
C GLY E 364 5.64 -4.75 -13.76
N GLY E 365 6.78 -5.44 -13.73
CA GLY E 365 6.94 -6.61 -12.89
C GLY E 365 7.07 -6.30 -11.42
N GLY E 366 7.63 -7.23 -10.66
CA GLY E 366 7.78 -7.03 -9.24
C GLY E 366 6.43 -7.05 -8.52
N ASN E 367 6.49 -6.70 -7.24
CA ASN E 367 5.30 -6.70 -6.41
C ASN E 367 4.48 -5.44 -6.66
N TYR E 368 3.17 -5.56 -6.51
CA TYR E 368 2.26 -4.44 -6.64
C TYR E 368 1.07 -4.68 -5.72
N GLY E 369 0.92 -3.84 -4.70
CA GLY E 369 -0.25 -3.93 -3.86
C GLY E 369 -0.01 -3.86 -2.37
N SER E 370 -0.56 -4.83 -1.65
CA SER E 370 -0.44 -4.87 -0.20
C SER E 370 0.26 -6.12 0.30
N GLY E 371 0.47 -7.11 -0.56
CA GLY E 371 1.18 -8.31 -0.16
C GLY E 371 2.66 -8.01 0.05
N ASN E 372 3.24 -8.69 1.03
CA ASN E 372 4.65 -8.51 1.35
C ASN E 372 5.52 -9.24 0.34
N TYR E 373 6.72 -8.69 0.12
CA TYR E 373 7.61 -9.15 -0.94
C TYR E 373 8.95 -9.57 -0.36
N ASN E 374 9.25 -10.85 -0.48
CA ASN E 374 10.55 -11.40 -0.08
C ASN E 374 11.33 -11.75 -1.34
N ASP E 375 12.41 -11.02 -1.60
CA ASP E 375 13.30 -11.30 -2.71
C ASP E 375 14.62 -11.81 -2.13
N PHE E 376 14.89 -13.09 -2.31
CA PHE E 376 16.05 -13.73 -1.71
C PHE E 376 17.32 -13.52 -2.50
N GLY E 377 17.29 -12.65 -3.51
CA GLY E 377 18.52 -12.15 -4.09
C GLY E 377 19.31 -13.09 -4.99
N ASN E 378 20.61 -12.84 -5.01
CA ASN E 378 21.54 -13.40 -5.97
C ASN E 378 22.77 -13.94 -5.27
N TYR E 379 23.03 -15.24 -5.44
CA TYR E 379 24.25 -15.87 -4.94
C TYR E 379 24.37 -15.78 -3.42
N ASN E 380 23.24 -15.74 -2.72
CA ASN E 380 23.26 -15.56 -1.28
C ASN E 380 23.43 -16.90 -0.57
N GLN E 381 24.10 -16.86 0.57
CA GLN E 381 24.37 -18.04 1.38
C GLN E 381 23.32 -18.12 2.49
N GLN E 382 22.37 -19.02 2.32
CA GLN E 382 21.37 -19.32 3.34
C GLN E 382 20.59 -18.10 3.83
N PRO E 383 19.80 -17.46 2.97
CA PRO E 383 18.94 -16.38 3.43
C PRO E 383 17.62 -16.93 3.96
N SER E 384 17.12 -16.30 5.03
CA SER E 384 15.89 -16.76 5.66
C SER E 384 15.06 -15.54 6.07
N ASN E 385 13.81 -15.80 6.44
CA ASN E 385 12.92 -14.74 6.88
C ASN E 385 12.53 -14.86 8.35
N TYR E 386 11.88 -15.96 8.75
CA TYR E 386 11.39 -16.18 10.09
C TYR E 386 10.28 -15.21 10.49
N GLY E 387 9.85 -14.37 9.56
CA GLY E 387 8.85 -13.37 9.85
C GLY E 387 7.53 -13.64 9.19
N PRO E 388 6.47 -13.79 9.99
CA PRO E 388 5.13 -13.97 9.42
C PRO E 388 4.65 -12.72 8.71
N MET E 389 3.79 -12.92 7.71
CA MET E 389 3.33 -11.83 6.86
C MET E 389 1.81 -11.78 6.82
N LYS E 390 1.26 -10.63 7.19
CA LYS E 390 -0.18 -10.41 7.08
C LYS E 390 -0.43 -9.15 6.27
N SER E 391 -1.25 -9.25 5.23
CA SER E 391 -1.46 -8.17 4.29
C SER E 391 -2.94 -7.78 4.23
N GLY E 392 -3.20 -6.50 4.50
CA GLY E 392 -4.55 -5.98 4.49
C GLY E 392 -5.25 -6.06 3.15
N ASN E 393 -6.47 -5.55 3.13
CA ASN E 393 -7.36 -5.75 1.99
C ASN E 393 -6.91 -4.94 0.78
N PHE E 394 -7.25 -5.46 -0.40
CA PHE E 394 -6.90 -4.84 -1.67
C PHE E 394 -8.18 -4.34 -2.34
N GLY E 395 -8.30 -3.03 -2.49
CA GLY E 395 -9.44 -2.45 -3.18
C GLY E 395 -10.76 -2.74 -2.49
N GLY E 396 -11.83 -2.53 -3.24
CA GLY E 396 -13.17 -2.82 -2.76
C GLY E 396 -13.92 -1.60 -2.28
N SER E 397 -15.22 -1.78 -2.09
CA SER E 397 -16.11 -0.72 -1.63
C SER E 397 -16.87 -1.20 -0.40
N ARG E 398 -16.79 -0.43 0.68
CA ARG E 398 -17.38 -0.81 1.96
C ARG E 398 -18.20 0.33 2.53
N ASN E 399 -19.46 0.03 2.86
CA ASN E 399 -20.36 1.01 3.47
C ASN E 399 -20.66 0.60 4.89
N MET E 400 -20.31 1.46 5.84
CA MET E 400 -20.69 1.29 7.24
C MET E 400 -21.36 2.56 7.75
N GLY E 401 -22.26 3.12 6.93
CA GLY E 401 -22.86 4.38 7.27
C GLY E 401 -23.96 4.25 8.32
N GLY E 402 -24.17 5.34 9.04
CA GLY E 402 -25.10 5.38 10.14
C GLY E 402 -26.55 5.24 9.72
N PRO E 403 -27.47 5.60 10.62
CA PRO E 403 -28.89 5.36 10.35
C PRO E 403 -29.39 6.21 9.19
N TYR E 404 -30.31 5.63 8.41
CA TYR E 404 -30.88 6.30 7.26
C TYR E 404 -32.29 6.80 7.57
#